data_6LW3
#
_entry.id   6LW3
#
_cell.length_a   60.379
_cell.length_b   90.119
_cell.length_c   61.584
_cell.angle_alpha   90.000
_cell.angle_beta   90.000
_cell.angle_gamma   90.000
#
_symmetry.space_group_name_H-M   'P 21 21 21'
#
loop_
_entity.id
_entity.type
_entity.pdbx_description
1 polymer 'Crossover junction endodeoxyribonuclease RuvC'
2 water water
#
_entity_poly.entity_id   1
_entity_poly.type   'polypeptide(L)'
_entity_poly.pdbx_seq_one_letter_code
;GPLGSGRPKKMTLILGIDPGSRITGFGVVRETARGCEYVASGCIRTGNGPLHERLHVVFRSVREVIRTHGPTALSIEQVF
MARNADSALKLGQARGAAIVAAMEEGLSVAEYTASQVKQAVVGTGGADKQQVQMMVMHLLKLTQKPQIDASDALAIALCH
AHT
;
_entity_poly.pdbx_strand_id   A,B
#
# COMPACT_ATOMS: atom_id res chain seq x y z
N MET A 11 -29.43 -1.09 -7.86
CA MET A 11 -28.61 0.13 -7.90
C MET A 11 -27.42 0.06 -6.94
N THR A 12 -26.25 0.38 -7.46
CA THR A 12 -25.00 0.37 -6.71
C THR A 12 -24.22 1.63 -7.06
N LEU A 13 -23.59 2.23 -6.05
CA LEU A 13 -22.57 3.24 -6.29
C LEU A 13 -21.22 2.56 -6.32
N ILE A 14 -20.46 2.78 -7.38
CA ILE A 14 -19.25 2.03 -7.66
C ILE A 14 -18.08 3.01 -7.73
N LEU A 15 -17.01 2.69 -7.00
CA LEU A 15 -15.76 3.45 -7.05
C LEU A 15 -14.75 2.72 -7.93
N GLY A 16 -14.20 3.41 -8.91
CA GLY A 16 -13.06 2.92 -9.69
C GLY A 16 -11.83 3.75 -9.34
N ILE A 17 -10.68 3.10 -9.29
CA ILE A 17 -9.44 3.73 -8.83
C ILE A 17 -8.33 3.43 -9.84
N ASP A 18 -7.58 4.47 -10.25
CA ASP A 18 -6.43 4.33 -11.14
C ASP A 18 -5.16 4.76 -10.43
N PRO A 19 -4.52 3.89 -9.67
CA PRO A 19 -3.46 4.33 -8.76
C PRO A 19 -2.22 4.85 -9.48
N GLY A 20 -1.46 5.65 -8.76
CA GLY A 20 -0.20 6.14 -9.28
C GLY A 20 0.62 6.80 -8.20
N SER A 21 1.95 6.70 -8.31
CA SER A 21 2.84 7.38 -7.38
C SER A 21 2.54 8.86 -7.31
N ARG A 22 2.40 9.49 -8.48
CA ARG A 22 2.16 10.93 -8.56
C ARG A 22 0.67 11.27 -8.58
N ILE A 23 -0.12 10.53 -9.34
CA ILE A 23 -1.53 10.82 -9.53
C ILE A 23 -2.34 9.54 -9.41
N THR A 24 -3.37 9.57 -8.59
CA THR A 24 -4.34 8.48 -8.49
C THR A 24 -5.67 9.00 -8.99
N GLY A 25 -6.13 8.46 -10.12
CA GLY A 25 -7.47 8.80 -10.59
C GLY A 25 -8.53 8.05 -9.80
N PHE A 26 -9.65 8.73 -9.56
CA PHE A 26 -10.84 8.09 -9.02
C PHE A 26 -12.05 8.44 -9.88
N GLY A 27 -13.01 7.53 -9.90
CA GLY A 27 -14.28 7.77 -10.56
C GLY A 27 -15.38 7.02 -9.83
N VAL A 28 -16.51 7.67 -9.60
CA VAL A 28 -17.66 7.07 -8.95
C VAL A 28 -18.83 7.12 -9.93
N VAL A 29 -19.47 5.97 -10.14
CA VAL A 29 -20.66 5.90 -10.97
C VAL A 29 -21.76 5.21 -10.18
N ARG A 30 -23.01 5.46 -10.60
CA ARG A 30 -24.19 4.87 -9.97
C ARG A 30 -24.88 3.94 -10.97
N GLU A 31 -24.98 2.67 -10.61
CA GLU A 31 -25.77 1.71 -11.38
C GLU A 31 -27.22 2.12 -11.36
N THR A 32 -27.73 2.59 -12.48
CA THR A 32 -29.16 2.74 -12.68
C THR A 32 -29.67 1.57 -13.50
N ALA A 33 -31.00 1.40 -13.53
CA ALA A 33 -31.59 0.38 -14.38
C ALA A 33 -31.45 0.72 -15.86
N ARG A 34 -31.27 2.01 -16.20
CA ARG A 34 -31.09 2.48 -17.56
C ARG A 34 -29.63 2.49 -17.99
N GLY A 35 -28.72 2.06 -17.12
CA GLY A 35 -27.31 2.09 -17.43
C GLY A 35 -26.46 2.57 -16.26
N CYS A 36 -25.76 3.67 -16.44
CA CYS A 36 -24.90 4.20 -15.39
C CYS A 36 -24.96 5.70 -15.41
N GLU A 37 -24.99 6.29 -14.21
CA GLU A 37 -24.99 7.73 -14.03
C GLU A 37 -23.64 8.18 -13.48
N TYR A 38 -23.18 9.34 -13.95
CA TYR A 38 -21.97 9.97 -13.42
C TYR A 38 -22.22 10.51 -12.02
N VAL A 39 -21.24 10.34 -11.13
CA VAL A 39 -21.35 10.89 -9.79
C VAL A 39 -20.17 11.81 -9.49
N ALA A 40 -18.94 11.28 -9.60
CA ALA A 40 -17.76 12.11 -9.37
C ALA A 40 -16.56 11.45 -10.03
N SER A 41 -15.51 12.25 -10.20
CA SER A 41 -14.22 11.80 -10.67
C SER A 41 -13.21 12.90 -10.39
N GLY A 42 -11.94 12.58 -10.57
CA GLY A 42 -10.90 13.59 -10.40
C GLY A 42 -9.55 12.94 -10.18
N CYS A 43 -8.61 13.76 -9.69
CA CYS A 43 -7.23 13.35 -9.51
C CYS A 43 -6.79 13.61 -8.08
N ILE A 44 -6.11 12.63 -7.50
CA ILE A 44 -5.47 12.78 -6.21
C ILE A 44 -3.99 12.99 -6.50
N ARG A 45 -3.50 14.20 -6.23
CA ARG A 45 -2.14 14.60 -6.55
C ARG A 45 -1.26 14.47 -5.32
N THR A 46 -0.24 13.62 -5.42
CA THR A 46 0.75 13.40 -4.36
C THR A 46 2.12 13.48 -5.03
N GLY A 47 2.59 14.70 -5.30
CA GLY A 47 3.86 14.89 -5.98
C GLY A 47 5.00 15.18 -5.03
N ASN A 48 4.92 16.32 -4.35
CA ASN A 48 5.97 16.75 -3.44
C ASN A 48 5.78 16.09 -2.07
N GLY A 49 6.90 15.94 -1.36
CA GLY A 49 6.86 15.48 0.01
C GLY A 49 7.52 14.14 0.18
N PRO A 50 7.76 13.75 1.43
CA PRO A 50 8.28 12.40 1.69
C PRO A 50 7.24 11.35 1.30
N LEU A 51 7.72 10.16 0.97
CA LEU A 51 6.85 9.12 0.45
C LEU A 51 5.67 8.84 1.38
N HIS A 52 5.97 8.67 2.67
CA HIS A 52 4.92 8.28 3.60
C HIS A 52 3.84 9.36 3.70
N GLU A 53 4.19 10.64 3.57
CA GLU A 53 3.14 11.65 3.52
C GLU A 53 2.33 11.54 2.22
N ARG A 54 3.00 11.17 1.12
CA ARG A 54 2.30 10.94 -0.14
C ARG A 54 1.36 9.73 -0.06
N LEU A 55 1.82 8.64 0.56
CA LEU A 55 0.93 7.50 0.68
C LEU A 55 -0.25 7.82 1.59
N HIS A 56 -0.02 8.59 2.65
CA HIS A 56 -1.12 8.87 3.55
C HIS A 56 -2.14 9.81 2.91
N VAL A 57 -1.71 10.70 2.02
CA VAL A 57 -2.66 11.50 1.25
C VAL A 57 -3.56 10.60 0.42
N VAL A 58 -2.99 9.62 -0.27
CA VAL A 58 -3.78 8.69 -1.08
C VAL A 58 -4.82 7.97 -0.22
N PHE A 59 -4.38 7.38 0.90
CA PHE A 59 -5.29 6.70 1.82
C PHE A 59 -6.42 7.64 2.28
N ARG A 60 -6.06 8.82 2.77
CA ARG A 60 -7.06 9.72 3.33
C ARG A 60 -7.98 10.27 2.25
N SER A 61 -7.42 10.59 1.08
CA SER A 61 -8.23 11.14 -0.01
C SER A 61 -9.21 10.10 -0.54
N VAL A 62 -8.76 8.85 -0.69
CA VAL A 62 -9.68 7.79 -1.14
C VAL A 62 -10.80 7.60 -0.12
N ARG A 63 -10.45 7.56 1.17
CA ARG A 63 -11.47 7.44 2.21
C ARG A 63 -12.43 8.61 2.18
N GLU A 64 -11.93 9.82 1.87
CA GLU A 64 -12.81 10.98 1.81
C GLU A 64 -13.78 10.89 0.64
N VAL A 65 -13.29 10.46 -0.53
CA VAL A 65 -14.18 10.19 -1.66
C VAL A 65 -15.29 9.23 -1.26
N ILE A 66 -14.95 8.17 -0.52
CA ILE A 66 -15.93 7.12 -0.21
C ILE A 66 -16.96 7.64 0.79
N ARG A 67 -16.51 8.36 1.82
CA ARG A 67 -17.42 8.96 2.78
C ARG A 67 -18.30 10.01 2.13
N THR A 68 -17.79 10.74 1.14
CA THR A 68 -18.59 11.78 0.52
C THR A 68 -19.68 11.19 -0.35
N HIS A 69 -19.32 10.26 -1.25
CA HIS A 69 -20.22 9.83 -2.31
C HIS A 69 -20.82 8.44 -2.08
N GLY A 70 -20.44 7.77 -1.00
CA GLY A 70 -21.06 6.53 -0.59
C GLY A 70 -20.97 5.29 -1.49
N PRO A 71 -19.93 5.13 -2.32
CA PRO A 71 -19.81 3.87 -3.06
C PRO A 71 -19.64 2.69 -2.11
N THR A 72 -20.26 1.56 -2.45
CA THR A 72 -20.10 0.34 -1.66
C THR A 72 -19.26 -0.70 -2.37
N ALA A 73 -18.73 -0.41 -3.55
CA ALA A 73 -17.96 -1.38 -4.30
C ALA A 73 -16.74 -0.70 -4.87
N LEU A 74 -15.59 -1.36 -4.73
CA LEU A 74 -14.35 -0.91 -5.36
C LEU A 74 -14.08 -1.76 -6.59
N SER A 75 -13.74 -1.10 -7.68
CA SER A 75 -13.30 -1.76 -8.89
C SER A 75 -11.88 -1.27 -9.17
N ILE A 76 -10.99 -2.21 -9.47
CA ILE A 76 -9.59 -1.88 -9.73
C ILE A 76 -9.12 -2.70 -10.90
N GLU A 77 -8.07 -2.21 -11.54
CA GLU A 77 -7.48 -2.87 -12.69
C GLU A 77 -6.28 -3.69 -12.27
N GLN A 78 -6.20 -4.92 -12.76
CA GLN A 78 -5.04 -5.77 -12.54
C GLN A 78 -3.81 -5.14 -13.18
N VAL A 79 -2.67 -5.21 -12.48
CA VAL A 79 -1.38 -4.86 -13.07
C VAL A 79 -0.81 -6.12 -13.69
N PHE A 80 -0.62 -6.11 -15.01
CA PHE A 80 0.00 -7.26 -15.68
C PHE A 80 1.50 -7.01 -15.85
N MET A 81 1.87 -6.02 -16.66
CA MET A 81 3.26 -5.61 -16.85
C MET A 81 3.41 -4.18 -16.36
N ALA A 82 4.24 -3.98 -15.33
CA ALA A 82 4.66 -2.63 -15.02
C ALA A 82 5.75 -2.22 -15.98
N ARG A 83 5.98 -0.91 -16.10
CA ARG A 83 6.94 -0.46 -17.10
C ARG A 83 8.35 -0.88 -16.74
N ASN A 84 8.64 -1.00 -15.45
CA ASN A 84 9.95 -1.40 -14.96
C ASN A 84 9.85 -1.52 -13.45
N ALA A 85 10.94 -1.93 -12.78
CA ALA A 85 10.87 -2.22 -11.35
C ALA A 85 10.88 -0.95 -10.48
N ASP A 86 11.53 0.14 -10.90
CA ASP A 86 11.35 1.39 -10.15
C ASP A 86 9.89 1.82 -10.20
N SER A 87 9.31 1.81 -11.41
CA SER A 87 7.90 2.12 -11.60
C SER A 87 7.01 1.21 -10.74
N ALA A 88 7.23 -0.11 -10.80
CA ALA A 88 6.35 -1.03 -10.09
C ALA A 88 6.34 -0.76 -8.58
N LEU A 89 7.49 -0.48 -8.00
CA LEU A 89 7.58 -0.24 -6.57
C LEU A 89 6.70 0.93 -6.17
N LYS A 90 6.81 2.06 -6.88
CA LYS A 90 6.05 3.25 -6.51
C LYS A 90 4.57 3.08 -6.81
N LEU A 91 4.23 2.36 -7.89
CA LEU A 91 2.84 2.09 -8.19
C LEU A 91 2.20 1.17 -7.15
N GLY A 92 2.92 0.13 -6.72
CA GLY A 92 2.35 -0.77 -5.73
C GLY A 92 2.08 -0.08 -4.40
N GLN A 93 2.97 0.82 -4.00
CA GLN A 93 2.78 1.53 -2.75
C GLN A 93 1.50 2.36 -2.78
N ALA A 94 1.29 3.13 -3.86
CA ALA A 94 0.05 3.89 -3.97
C ALA A 94 -1.14 2.95 -4.05
N ARG A 95 -0.99 1.86 -4.80
CA ARG A 95 -2.08 0.90 -4.98
C ARG A 95 -2.50 0.27 -3.65
N GLY A 96 -1.53 -0.13 -2.82
CA GLY A 96 -1.88 -0.70 -1.52
C GLY A 96 -2.54 0.32 -0.60
N ALA A 97 -2.05 1.56 -0.61
CA ALA A 97 -2.67 2.61 0.20
C ALA A 97 -4.13 2.84 -0.20
N ALA A 98 -4.41 2.80 -1.50
CA ALA A 98 -5.78 3.04 -1.96
C ALA A 98 -6.69 1.86 -1.66
N ILE A 99 -6.18 0.63 -1.79
CA ILE A 99 -7.06 -0.51 -1.60
C ILE A 99 -7.44 -0.67 -0.13
N VAL A 100 -6.50 -0.45 0.79
CA VAL A 100 -6.81 -0.68 2.20
C VAL A 100 -7.72 0.42 2.72
N ALA A 101 -7.59 1.66 2.19
CA ALA A 101 -8.58 2.69 2.48
C ALA A 101 -9.98 2.24 2.09
N ALA A 102 -10.13 1.75 0.86
CA ALA A 102 -11.42 1.26 0.41
C ALA A 102 -11.97 0.20 1.37
N MET A 103 -11.12 -0.73 1.77
CA MET A 103 -11.60 -1.84 2.59
C MET A 103 -11.87 -1.44 4.02
N GLU A 104 -11.13 -0.47 4.55
CA GLU A 104 -11.47 0.06 5.87
C GLU A 104 -12.89 0.63 5.89
N GLU A 105 -13.34 1.16 4.76
CA GLU A 105 -14.71 1.64 4.64
C GLU A 105 -15.71 0.52 4.36
N GLY A 106 -15.26 -0.72 4.18
CA GLY A 106 -16.16 -1.84 4.00
C GLY A 106 -16.60 -2.09 2.57
N LEU A 107 -15.90 -1.54 1.59
CA LEU A 107 -16.24 -1.79 0.20
C LEU A 107 -15.86 -3.20 -0.21
N SER A 108 -16.70 -3.82 -1.01
CA SER A 108 -16.24 -5.01 -1.72
C SER A 108 -15.23 -4.60 -2.77
N VAL A 109 -14.43 -5.57 -3.22
CA VAL A 109 -13.36 -5.29 -4.19
C VAL A 109 -13.45 -6.29 -5.33
N ALA A 110 -13.39 -5.79 -6.56
CA ALA A 110 -13.42 -6.61 -7.76
C ALA A 110 -12.29 -6.15 -8.65
N GLU A 111 -11.49 -7.09 -9.13
CA GLU A 111 -10.36 -6.79 -10.00
C GLU A 111 -10.65 -7.29 -11.41
N TYR A 112 -10.36 -6.46 -12.40
CA TYR A 112 -10.53 -6.80 -13.80
C TYR A 112 -9.22 -6.53 -14.54
N THR A 113 -9.00 -7.29 -15.60
CA THR A 113 -7.83 -7.08 -16.43
C THR A 113 -8.06 -5.86 -17.31
N ALA A 114 -6.96 -5.29 -17.82
CA ALA A 114 -7.08 -4.16 -18.76
C ALA A 114 -7.97 -4.52 -19.93
N SER A 115 -7.93 -5.77 -20.36
CA SER A 115 -8.72 -6.18 -21.51
C SER A 115 -10.20 -6.31 -21.16
N GLN A 116 -10.52 -6.80 -19.96
CA GLN A 116 -11.93 -6.82 -19.56
C GLN A 116 -12.49 -5.40 -19.48
N VAL A 117 -11.71 -4.48 -18.92
CA VAL A 117 -12.15 -3.10 -18.81
C VAL A 117 -12.47 -2.53 -20.18
N LYS A 118 -11.60 -2.77 -21.17
CA LYS A 118 -11.87 -2.23 -22.49
C LYS A 118 -13.00 -2.97 -23.20
N GLN A 119 -13.16 -4.28 -22.96
CA GLN A 119 -14.30 -5.00 -23.56
C GLN A 119 -15.62 -4.44 -23.08
N ALA A 120 -15.74 -4.17 -21.76
CA ALA A 120 -17.01 -3.69 -21.23
C ALA A 120 -17.35 -2.29 -21.70
N VAL A 121 -16.35 -1.45 -21.94
CA VAL A 121 -16.57 -0.03 -22.16
C VAL A 121 -16.63 0.31 -23.64
N VAL A 122 -15.69 -0.21 -24.42
CA VAL A 122 -15.60 0.12 -25.84
C VAL A 122 -16.20 -1.01 -26.68
N GLY A 123 -16.19 -2.23 -26.13
CA GLY A 123 -16.69 -3.39 -26.83
C GLY A 123 -15.61 -4.36 -27.27
N THR A 124 -14.33 -3.98 -27.19
CA THR A 124 -13.27 -4.90 -27.57
C THR A 124 -12.04 -4.67 -26.70
N GLY A 125 -11.29 -5.76 -26.46
CA GLY A 125 -10.21 -5.75 -25.50
C GLY A 125 -8.99 -4.93 -25.90
N GLY A 126 -8.84 -4.62 -27.19
CA GLY A 126 -7.65 -3.93 -27.63
C GLY A 126 -7.82 -2.44 -27.94
N ALA A 127 -8.91 -1.85 -27.47
CA ALA A 127 -9.20 -0.43 -27.75
C ALA A 127 -8.07 0.47 -27.24
N ASP A 128 -7.78 1.53 -27.98
CA ASP A 128 -6.72 2.42 -27.53
C ASP A 128 -7.27 3.46 -26.55
N LYS A 129 -6.36 4.27 -26.00
CA LYS A 129 -6.72 5.27 -25.00
C LYS A 129 -7.76 6.26 -25.55
N GLN A 130 -7.74 6.48 -26.86
CA GLN A 130 -8.64 7.43 -27.49
C GLN A 130 -10.08 6.93 -27.45
N GLN A 131 -10.30 5.69 -27.91
CA GLN A 131 -11.65 5.14 -27.92
C GLN A 131 -12.21 5.02 -26.51
N VAL A 132 -11.37 4.66 -25.53
CA VAL A 132 -11.84 4.47 -24.16
C VAL A 132 -12.35 5.80 -23.59
N GLN A 133 -11.56 6.85 -23.74
CA GLN A 133 -11.96 8.16 -23.22
C GLN A 133 -13.23 8.66 -23.88
N MET A 134 -13.44 8.38 -25.17
CA MET A 134 -14.67 8.82 -25.82
C MET A 134 -15.88 8.00 -25.38
N MET A 135 -15.69 6.70 -25.16
CA MET A 135 -16.82 5.89 -24.71
C MET A 135 -17.15 6.18 -23.24
N VAL A 136 -16.14 6.55 -22.44
CA VAL A 136 -16.42 7.03 -21.09
C VAL A 136 -17.30 8.27 -21.14
N MET A 137 -16.96 9.22 -22.02
CA MET A 137 -17.76 10.42 -22.15
C MET A 137 -19.12 10.12 -22.75
N HIS A 138 -19.20 9.17 -23.68
CA HIS A 138 -20.50 8.84 -24.27
C HIS A 138 -21.42 8.17 -23.23
N LEU A 139 -20.91 7.17 -22.51
CA LEU A 139 -21.76 6.38 -21.63
C LEU A 139 -22.22 7.18 -20.41
N LEU A 140 -21.44 8.16 -20.00
CA LEU A 140 -21.74 8.99 -18.84
C LEU A 140 -22.24 10.37 -19.24
N LYS A 141 -22.48 10.60 -20.53
CA LYS A 141 -22.96 11.87 -21.07
C LYS A 141 -22.18 13.05 -20.50
N LEU A 142 -20.85 12.94 -20.55
CA LEU A 142 -20.00 14.03 -20.11
C LEU A 142 -19.79 15.02 -21.24
N THR A 143 -19.73 16.30 -20.90
CA THR A 143 -19.41 17.30 -21.91
C THR A 143 -17.91 17.56 -22.01
N GLN A 144 -17.21 17.49 -20.88
CA GLN A 144 -15.79 17.84 -20.79
C GLN A 144 -14.94 16.58 -20.75
N LYS A 145 -13.82 16.61 -21.47
CA LYS A 145 -12.81 15.57 -21.37
C LYS A 145 -12.33 15.48 -19.92
N PRO A 146 -12.48 14.35 -19.26
CA PRO A 146 -11.83 14.19 -17.95
C PRO A 146 -10.33 14.04 -18.15
N GLN A 147 -9.58 14.45 -17.13
CA GLN A 147 -8.19 14.07 -17.09
C GLN A 147 -8.05 12.56 -17.24
N ILE A 148 -6.94 12.15 -17.84
CA ILE A 148 -6.72 10.78 -18.28
C ILE A 148 -6.86 9.80 -17.12
N ASP A 149 -6.23 10.11 -15.99
CA ASP A 149 -6.36 9.24 -14.82
C ASP A 149 -7.80 9.18 -14.33
N ALA A 150 -8.57 10.26 -14.52
CA ALA A 150 -9.96 10.24 -14.09
C ALA A 150 -10.79 9.35 -15.00
N SER A 151 -10.57 9.42 -16.32
CA SER A 151 -11.38 8.60 -17.22
C SER A 151 -11.00 7.12 -17.18
N ASP A 152 -9.72 6.80 -16.97
CA ASP A 152 -9.35 5.41 -16.71
C ASP A 152 -10.08 4.92 -15.47
N ALA A 153 -10.09 5.72 -14.41
CA ALA A 153 -10.82 5.34 -13.20
C ALA A 153 -12.30 5.15 -13.50
N LEU A 154 -12.90 6.04 -14.29
CA LEU A 154 -14.30 5.88 -14.64
C LEU A 154 -14.50 4.62 -15.48
N ALA A 155 -13.62 4.40 -16.45
CA ALA A 155 -13.64 3.15 -17.22
C ALA A 155 -13.64 1.94 -16.29
N ILE A 156 -12.73 1.92 -15.33
CA ILE A 156 -12.63 0.77 -14.44
C ILE A 156 -13.92 0.62 -13.63
N ALA A 157 -14.55 1.74 -13.26
CA ALA A 157 -15.80 1.66 -12.52
C ALA A 157 -16.93 1.15 -13.40
N LEU A 158 -17.02 1.67 -14.64
CA LEU A 158 -18.03 1.20 -15.57
C LEU A 158 -17.91 -0.31 -15.80
N CYS A 159 -16.69 -0.84 -15.82
CA CYS A 159 -16.51 -2.27 -16.07
C CYS A 159 -17.24 -3.10 -15.02
N HIS A 160 -17.23 -2.65 -13.77
CA HIS A 160 -17.88 -3.42 -12.72
C HIS A 160 -19.41 -3.31 -12.75
N ALA A 161 -19.98 -2.37 -13.49
CA ALA A 161 -21.41 -2.11 -13.40
C ALA A 161 -22.25 -3.24 -14.01
N HIS A 162 -23.19 -3.75 -13.20
CA HIS A 162 -24.13 -4.84 -13.49
C HIS A 162 -23.44 -6.20 -13.40
N THR A 163 -22.28 -6.32 -14.05
CA THR A 163 -21.38 -7.47 -13.88
C THR A 163 -21.10 -7.77 -12.42
N MET B 11 10.99 5.80 27.42
CA MET B 11 11.31 6.81 26.43
C MET B 11 11.33 6.16 25.04
N THR B 12 10.28 6.41 24.26
CA THR B 12 10.11 5.90 22.89
C THR B 12 10.08 4.37 22.76
N LEU B 13 8.91 3.87 22.41
CA LEU B 13 8.74 2.54 21.87
C LEU B 13 8.74 2.65 20.35
N ILE B 14 9.47 1.76 19.69
CA ILE B 14 9.76 1.87 18.27
C ILE B 14 9.29 0.62 17.56
N LEU B 15 8.53 0.79 16.48
CA LEU B 15 8.11 -0.30 15.61
C LEU B 15 8.96 -0.32 14.35
N GLY B 16 9.56 -1.47 14.09
CA GLY B 16 10.23 -1.75 12.82
C GLY B 16 9.38 -2.70 11.99
N ILE B 17 9.29 -2.44 10.69
CA ILE B 17 8.51 -3.23 9.76
C ILE B 17 9.44 -3.73 8.67
N ASP B 18 9.31 -5.00 8.29
CA ASP B 18 10.03 -5.57 7.16
C ASP B 18 9.01 -6.13 6.16
N PRO B 19 8.50 -5.30 5.27
CA PRO B 19 7.43 -5.73 4.36
C PRO B 19 7.88 -6.84 3.41
N GLY B 20 6.89 -7.57 2.92
CA GLY B 20 7.15 -8.64 1.97
C GLY B 20 5.89 -8.99 1.22
N SER B 21 6.09 -9.53 0.02
CA SER B 21 4.97 -10.02 -0.77
C SER B 21 4.13 -11.03 0.03
N ARG B 22 4.78 -11.98 0.69
CA ARG B 22 4.05 -13.03 1.40
C ARG B 22 4.17 -12.96 2.92
N ILE B 23 5.22 -12.36 3.46
CA ILE B 23 5.40 -12.21 4.91
C ILE B 23 5.87 -10.79 5.19
N THR B 24 5.24 -10.13 6.17
CA THR B 24 5.70 -8.85 6.71
C THR B 24 6.15 -9.08 8.15
N GLY B 25 7.45 -8.93 8.41
CA GLY B 25 7.91 -9.01 9.77
C GLY B 25 7.65 -7.72 10.54
N PHE B 26 7.53 -7.83 11.85
CA PHE B 26 7.42 -6.66 12.72
C PHE B 26 8.22 -6.89 13.98
N GLY B 27 8.78 -5.81 14.50
CA GLY B 27 9.47 -5.83 15.78
C GLY B 27 9.23 -4.56 16.56
N VAL B 28 8.89 -4.67 17.84
CA VAL B 28 8.76 -3.52 18.72
C VAL B 28 9.86 -3.60 19.77
N VAL B 29 10.59 -2.49 19.95
CA VAL B 29 11.62 -2.36 20.98
C VAL B 29 11.32 -1.10 21.78
N ARG B 30 11.79 -1.10 23.02
CA ARG B 30 11.68 0.04 23.92
C ARG B 30 13.08 0.56 24.24
N GLU B 31 13.31 1.84 23.97
CA GLU B 31 14.57 2.44 24.38
C GLU B 31 14.65 2.48 25.90
N THR B 32 15.79 2.08 26.44
CA THR B 32 16.12 2.32 27.84
C THR B 32 17.41 3.13 27.89
N ALA B 33 17.72 3.64 29.08
CA ALA B 33 19.03 4.25 29.28
C ALA B 33 20.15 3.23 29.06
N ARG B 34 19.89 1.96 29.36
CA ARG B 34 20.89 0.91 29.09
C ARG B 34 20.96 0.54 27.62
N GLY B 35 19.89 0.76 26.85
CA GLY B 35 19.88 0.40 25.46
C GLY B 35 18.47 0.15 24.95
N CYS B 36 18.15 -1.10 24.62
CA CYS B 36 16.83 -1.40 24.12
C CYS B 36 16.35 -2.72 24.71
N GLU B 37 15.06 -2.77 25.03
CA GLU B 37 14.42 -3.98 25.51
C GLU B 37 13.47 -4.48 24.44
N TYR B 38 13.40 -5.80 24.31
CA TYR B 38 12.45 -6.45 23.43
C TYR B 38 11.04 -6.27 23.96
N VAL B 39 10.11 -5.89 23.09
CA VAL B 39 8.71 -5.78 23.45
C VAL B 39 7.87 -6.83 22.73
N ALA B 40 8.05 -6.99 21.43
CA ALA B 40 7.29 -7.94 20.64
C ALA B 40 7.94 -8.06 19.27
N SER B 41 7.63 -9.16 18.60
CA SER B 41 8.05 -9.39 17.23
C SER B 41 7.19 -10.53 16.68
N GLY B 42 7.21 -10.68 15.36
CA GLY B 42 6.51 -11.77 14.74
C GLY B 42 6.41 -11.55 13.24
N CYS B 43 5.58 -12.36 12.60
CA CYS B 43 5.34 -12.33 11.16
C CYS B 43 3.86 -12.20 10.89
N ILE B 44 3.51 -11.36 9.94
CA ILE B 44 2.17 -11.31 9.38
C ILE B 44 2.23 -12.07 8.06
N ARG B 45 1.55 -13.22 7.98
CA ARG B 45 1.65 -14.08 6.81
C ARG B 45 0.46 -13.84 5.89
N THR B 46 0.76 -13.54 4.63
CA THR B 46 -0.22 -13.18 3.61
C THR B 46 0.06 -13.97 2.33
N GLY B 47 0.05 -15.29 2.45
CA GLY B 47 0.32 -16.15 1.31
C GLY B 47 -0.92 -16.55 0.53
N ASN B 48 -2.07 -16.60 1.21
CA ASN B 48 -3.29 -17.13 0.63
C ASN B 48 -4.37 -16.07 0.56
N GLY B 49 -5.27 -16.23 -0.42
CA GLY B 49 -6.46 -15.40 -0.51
C GLY B 49 -6.35 -14.35 -1.58
N PRO B 50 -7.46 -13.64 -1.81
CA PRO B 50 -7.44 -12.52 -2.76
C PRO B 50 -6.41 -11.48 -2.34
N LEU B 51 -5.78 -10.85 -3.34
CA LEU B 51 -4.73 -9.88 -3.06
C LEU B 51 -5.20 -8.80 -2.09
N HIS B 52 -6.44 -8.34 -2.25
CA HIS B 52 -6.94 -7.28 -1.38
C HIS B 52 -7.11 -7.76 0.07
N GLU B 53 -7.53 -9.01 0.28
CA GLU B 53 -7.61 -9.49 1.66
C GLU B 53 -6.23 -9.56 2.30
N ARG B 54 -5.21 -9.94 1.52
CA ARG B 54 -3.85 -9.98 2.01
C ARG B 54 -3.36 -8.59 2.44
N LEU B 55 -3.63 -7.58 1.60
CA LEU B 55 -3.25 -6.22 1.96
C LEU B 55 -3.98 -5.76 3.21
N HIS B 56 -5.28 -6.06 3.32
CA HIS B 56 -6.00 -5.51 4.48
C HIS B 56 -5.55 -6.18 5.78
N VAL B 57 -5.16 -7.46 5.73
CA VAL B 57 -4.59 -8.11 6.91
C VAL B 57 -3.33 -7.39 7.37
N VAL B 58 -2.45 -7.02 6.42
CA VAL B 58 -1.26 -6.26 6.77
C VAL B 58 -1.63 -4.95 7.45
N PHE B 59 -2.56 -4.21 6.85
CA PHE B 59 -2.99 -2.94 7.45
C PHE B 59 -3.56 -3.15 8.86
N ARG B 60 -4.49 -4.10 9.00
CA ARG B 60 -5.14 -4.34 10.28
C ARG B 60 -4.19 -4.90 11.31
N SER B 61 -3.23 -5.75 10.90
CA SER B 61 -2.32 -6.35 11.86
C SER B 61 -1.31 -5.33 12.39
N VAL B 62 -0.83 -4.44 11.52
CA VAL B 62 0.08 -3.40 11.96
C VAL B 62 -0.61 -2.47 12.95
N ARG B 63 -1.84 -2.04 12.61
CA ARG B 63 -2.63 -1.26 13.54
C ARG B 63 -2.77 -1.95 14.90
N GLU B 64 -2.99 -3.27 14.90
CA GLU B 64 -3.27 -3.94 16.17
C GLU B 64 -1.98 -4.10 16.99
N VAL B 65 -0.85 -4.33 16.31
CA VAL B 65 0.44 -4.27 17.00
C VAL B 65 0.66 -2.89 17.62
N ILE B 66 0.33 -1.83 16.90
CA ILE B 66 0.51 -0.47 17.44
C ILE B 66 -0.38 -0.25 18.65
N ARG B 67 -1.67 -0.57 18.51
CA ARG B 67 -2.62 -0.36 19.60
C ARG B 67 -2.27 -1.19 20.83
N THR B 68 -1.74 -2.39 20.64
CA THR B 68 -1.40 -3.24 21.77
C THR B 68 -0.17 -2.73 22.52
N HIS B 69 0.86 -2.29 21.80
CA HIS B 69 2.14 -2.02 22.42
C HIS B 69 2.54 -0.55 22.43
N GLY B 70 1.75 0.33 21.81
CA GLY B 70 1.96 1.76 21.88
C GLY B 70 3.28 2.36 21.37
N PRO B 71 3.88 1.83 20.30
CA PRO B 71 4.99 2.56 19.69
C PRO B 71 4.50 3.86 19.07
N THR B 72 5.32 4.90 19.21
CA THR B 72 5.04 6.20 18.61
C THR B 72 5.93 6.49 17.41
N ALA B 73 6.86 5.59 17.08
CA ALA B 73 7.80 5.80 16.00
C ALA B 73 7.84 4.57 15.11
N LEU B 74 7.71 4.77 13.80
CA LEU B 74 7.88 3.69 12.83
C LEU B 74 9.23 3.83 12.15
N SER B 75 9.98 2.75 12.11
CA SER B 75 11.23 2.66 11.40
C SER B 75 11.04 1.69 10.25
N ILE B 76 11.40 2.10 9.03
CA ILE B 76 11.34 1.23 7.87
C ILE B 76 12.65 1.29 7.10
N GLU B 77 12.85 0.28 6.26
CA GLU B 77 14.05 0.14 5.45
C GLU B 77 13.77 0.60 4.02
N GLN B 78 14.63 1.48 3.51
CA GLN B 78 14.54 1.85 2.11
C GLN B 78 14.71 0.61 1.23
N VAL B 79 13.82 0.46 0.26
CA VAL B 79 13.98 -0.56 -0.78
C VAL B 79 15.03 -0.09 -1.77
N PHE B 80 16.04 -0.91 -2.00
CA PHE B 80 17.05 -0.53 -2.99
C PHE B 80 16.81 -1.28 -4.30
N MET B 81 17.24 -2.54 -4.35
CA MET B 81 17.06 -3.40 -5.51
C MET B 81 16.10 -4.52 -5.14
N ALA B 82 14.89 -4.48 -5.69
CA ALA B 82 14.03 -5.65 -5.66
C ALA B 82 14.53 -6.63 -6.71
N ARG B 83 14.09 -7.87 -6.63
CA ARG B 83 14.66 -8.84 -7.56
C ARG B 83 14.12 -8.64 -8.98
N ASN B 84 12.86 -8.24 -9.10
CA ASN B 84 12.27 -8.00 -10.41
C ASN B 84 11.08 -7.08 -10.21
N ALA B 85 10.43 -6.70 -11.32
CA ALA B 85 9.31 -5.76 -11.21
C ALA B 85 8.11 -6.40 -10.51
N ASP B 86 7.89 -7.69 -10.70
CA ASP B 86 6.77 -8.34 -10.03
C ASP B 86 6.96 -8.35 -8.51
N SER B 87 8.16 -8.69 -8.04
CA SER B 87 8.45 -8.64 -6.61
C SER B 87 8.29 -7.22 -6.07
N ALA B 88 8.81 -6.23 -6.81
CA ALA B 88 8.72 -4.84 -6.37
C ALA B 88 7.28 -4.39 -6.21
N LEU B 89 6.41 -4.82 -7.11
CA LEU B 89 5.00 -4.44 -7.06
C LEU B 89 4.32 -5.04 -5.84
N LYS B 90 4.50 -6.34 -5.61
CA LYS B 90 3.85 -6.97 -4.47
C LYS B 90 4.43 -6.46 -3.16
N LEU B 91 5.75 -6.31 -3.10
CA LEU B 91 6.41 -5.71 -1.94
C LEU B 91 5.91 -4.30 -1.69
N GLY B 92 5.79 -3.50 -2.76
CA GLY B 92 5.35 -2.13 -2.58
C GLY B 92 3.95 -2.06 -2.00
N GLN B 93 3.06 -2.91 -2.49
CA GLN B 93 1.69 -2.90 -2.00
C GLN B 93 1.64 -3.20 -0.51
N ALA B 94 2.45 -4.15 -0.03
CA ALA B 94 2.47 -4.46 1.39
C ALA B 94 3.14 -3.35 2.19
N ARG B 95 4.20 -2.76 1.65
CA ARG B 95 4.85 -1.63 2.29
C ARG B 95 3.88 -0.45 2.43
N GLY B 96 3.17 -0.12 1.36
CA GLY B 96 2.21 0.97 1.45
C GLY B 96 1.11 0.70 2.45
N ALA B 97 0.61 -0.52 2.49
CA ALA B 97 -0.45 -0.86 3.44
C ALA B 97 0.04 -0.75 4.86
N ALA B 98 1.29 -1.15 5.12
CA ALA B 98 1.84 -1.05 6.46
C ALA B 98 2.12 0.40 6.86
N ILE B 99 2.60 1.21 5.91
CA ILE B 99 2.96 2.59 6.23
C ILE B 99 1.71 3.40 6.58
N VAL B 100 0.64 3.29 5.79
CA VAL B 100 -0.54 4.11 6.09
C VAL B 100 -1.21 3.64 7.38
N ALA B 101 -1.06 2.36 7.75
CA ALA B 101 -1.57 1.92 9.05
C ALA B 101 -0.81 2.58 10.19
N ALA B 102 0.51 2.70 10.06
CA ALA B 102 1.29 3.39 11.07
C ALA B 102 0.88 4.86 11.15
N MET B 103 0.69 5.50 10.00
CA MET B 103 0.36 6.93 10.00
C MET B 103 -1.06 7.20 10.46
N GLU B 104 -1.99 6.27 10.27
CA GLU B 104 -3.32 6.45 10.81
C GLU B 104 -3.29 6.50 12.33
N GLU B 105 -2.37 5.75 12.94
CA GLU B 105 -2.17 5.76 14.38
C GLU B 105 -1.32 6.92 14.85
N GLY B 106 -0.84 7.75 13.94
CA GLY B 106 -0.08 8.93 14.31
C GLY B 106 1.39 8.71 14.58
N LEU B 107 1.97 7.62 14.09
CA LEU B 107 3.40 7.41 14.32
C LEU B 107 4.21 8.31 13.39
N SER B 108 5.32 8.83 13.89
CA SER B 108 6.33 9.36 13.01
C SER B 108 6.96 8.21 12.20
N VAL B 109 7.67 8.58 11.14
CA VAL B 109 8.20 7.60 10.18
C VAL B 109 9.61 8.00 9.81
N ALA B 110 10.57 7.09 10.01
CA ALA B 110 11.96 7.29 9.62
C ALA B 110 12.35 6.17 8.67
N GLU B 111 13.09 6.53 7.62
CA GLU B 111 13.53 5.57 6.61
C GLU B 111 15.06 5.48 6.63
N TYR B 112 15.56 4.24 6.64
CA TYR B 112 16.98 3.95 6.68
C TYR B 112 17.31 2.98 5.57
N THR B 113 18.46 3.16 4.92
CA THR B 113 18.93 2.16 3.96
C THR B 113 19.33 0.89 4.69
N ALA B 114 19.38 -0.22 3.93
CA ALA B 114 19.91 -1.48 4.46
C ALA B 114 21.30 -1.30 5.06
N SER B 115 22.09 -0.38 4.53
CA SER B 115 23.45 -0.20 5.03
C SER B 115 23.45 0.52 6.38
N GLN B 116 22.58 1.53 6.52
CA GLN B 116 22.44 2.17 7.82
C GLN B 116 21.97 1.18 8.89
N VAL B 117 21.03 0.30 8.53
CA VAL B 117 20.53 -0.66 9.52
C VAL B 117 21.65 -1.57 9.99
N LYS B 118 22.43 -2.11 9.05
CA LYS B 118 23.51 -3.01 9.44
C LYS B 118 24.60 -2.28 10.19
N GLN B 119 24.88 -1.02 9.85
CA GLN B 119 25.92 -0.27 10.55
C GLN B 119 25.54 -0.04 12.02
N ALA B 120 24.27 0.25 12.29
CA ALA B 120 23.87 0.55 13.66
C ALA B 120 23.78 -0.71 14.50
N VAL B 121 23.39 -1.82 13.90
CA VAL B 121 23.17 -3.05 14.65
C VAL B 121 24.44 -3.87 14.75
N VAL B 122 25.18 -4.03 13.65
CA VAL B 122 26.36 -4.89 13.64
C VAL B 122 27.63 -4.06 13.73
N GLY B 123 27.61 -2.85 13.18
CA GLY B 123 28.78 -1.99 13.16
C GLY B 123 29.39 -1.78 11.80
N THR B 124 28.96 -2.50 10.77
CA THR B 124 29.48 -2.25 9.44
C THR B 124 28.41 -2.52 8.40
N GLY B 125 28.38 -1.69 7.35
CA GLY B 125 27.29 -1.73 6.40
C GLY B 125 27.23 -2.99 5.56
N GLY B 126 28.30 -3.78 5.54
CA GLY B 126 28.34 -4.97 4.73
C GLY B 126 28.13 -6.28 5.50
N ALA B 127 27.59 -6.19 6.71
CA ALA B 127 27.35 -7.40 7.51
C ALA B 127 26.35 -8.33 6.83
N ASP B 128 26.57 -9.63 6.97
CA ASP B 128 25.67 -10.62 6.39
C ASP B 128 24.52 -10.91 7.35
N LYS B 129 23.62 -11.81 6.92
CA LYS B 129 22.39 -12.05 7.68
C LYS B 129 22.67 -12.68 9.03
N GLN B 130 23.66 -13.57 9.10
CA GLN B 130 23.96 -14.24 10.36
C GLN B 130 24.42 -13.23 11.41
N GLN B 131 25.35 -12.35 11.04
CA GLN B 131 25.78 -11.29 11.95
C GLN B 131 24.60 -10.47 12.45
N VAL B 132 23.68 -10.10 11.54
CA VAL B 132 22.53 -9.29 11.95
C VAL B 132 21.68 -10.03 12.97
N GLN B 133 21.31 -11.28 12.66
CA GLN B 133 20.45 -12.04 13.56
C GLN B 133 21.11 -12.23 14.93
N MET B 134 22.40 -12.55 14.93
CA MET B 134 23.12 -12.73 16.20
C MET B 134 23.18 -11.43 16.99
N MET B 135 23.48 -10.30 16.32
CA MET B 135 23.55 -9.04 17.08
C MET B 135 22.17 -8.59 17.55
N VAL B 136 21.11 -8.96 16.83
CA VAL B 136 19.77 -8.64 17.31
C VAL B 136 19.47 -9.42 18.59
N MET B 137 19.88 -10.69 18.62
CA MET B 137 19.70 -11.48 19.83
C MET B 137 20.67 -11.05 20.94
N HIS B 138 21.84 -10.54 20.59
CA HIS B 138 22.75 -10.05 21.62
C HIS B 138 22.21 -8.76 22.24
N LEU B 139 21.84 -7.79 21.41
CA LEU B 139 21.43 -6.48 21.91
C LEU B 139 20.10 -6.56 22.68
N LEU B 140 19.25 -7.50 22.34
CA LEU B 140 17.95 -7.64 22.96
C LEU B 140 17.90 -8.81 23.95
N LYS B 141 19.04 -9.47 24.17
CA LYS B 141 19.19 -10.55 25.14
C LYS B 141 18.17 -11.65 24.93
N LEU B 142 18.07 -12.10 23.67
CA LEU B 142 17.16 -13.18 23.33
C LEU B 142 17.89 -14.51 23.33
N THR B 143 17.21 -15.54 23.84
CA THR B 143 17.67 -16.92 23.74
C THR B 143 17.19 -17.57 22.44
N GLN B 144 15.94 -17.29 22.07
CA GLN B 144 15.31 -17.92 20.93
C GLN B 144 15.67 -17.16 19.66
N LYS B 145 16.21 -17.88 18.68
CA LYS B 145 16.44 -17.37 17.33
C LYS B 145 15.10 -16.96 16.74
N PRO B 146 14.87 -15.68 16.47
CA PRO B 146 13.62 -15.27 15.84
C PRO B 146 13.63 -15.57 14.35
N GLN B 147 12.45 -15.77 13.81
CA GLN B 147 12.30 -15.92 12.37
C GLN B 147 12.93 -14.72 11.65
N ILE B 148 13.41 -14.95 10.43
CA ILE B 148 14.27 -13.98 9.77
C ILE B 148 13.51 -12.68 9.52
N ASP B 149 12.23 -12.76 9.19
CA ASP B 149 11.46 -11.53 8.97
C ASP B 149 11.25 -10.75 10.26
N ALA B 150 11.05 -11.44 11.37
CA ALA B 150 10.92 -10.75 12.65
C ALA B 150 12.26 -10.19 13.10
N SER B 151 13.33 -10.92 12.82
CA SER B 151 14.67 -10.46 13.17
C SER B 151 15.06 -9.21 12.38
N ASP B 152 14.82 -9.23 11.07
CA ASP B 152 15.07 -8.05 10.24
C ASP B 152 14.27 -6.86 10.75
N ALA B 153 13.00 -7.07 11.07
CA ALA B 153 12.18 -5.98 11.57
C ALA B 153 12.74 -5.44 12.89
N LEU B 154 13.21 -6.32 13.76
CA LEU B 154 13.86 -5.87 14.98
C LEU B 154 15.10 -5.05 14.67
N ALA B 155 15.92 -5.52 13.72
CA ALA B 155 17.11 -4.77 13.31
C ALA B 155 16.73 -3.36 12.85
N ILE B 156 15.69 -3.25 12.02
CA ILE B 156 15.26 -1.95 11.53
C ILE B 156 14.80 -1.06 12.67
N ALA B 157 14.08 -1.63 13.65
CA ALA B 157 13.65 -0.84 14.80
C ALA B 157 14.84 -0.36 15.61
N LEU B 158 15.80 -1.26 15.87
CA LEU B 158 16.99 -0.88 16.61
C LEU B 158 17.78 0.20 15.89
N CYS B 159 17.75 0.19 14.55
CA CYS B 159 18.49 1.22 13.83
C CYS B 159 17.99 2.61 14.19
N HIS B 160 16.68 2.77 14.39
CA HIS B 160 16.13 4.07 14.76
C HIS B 160 16.42 4.46 16.22
N ALA B 161 16.68 3.49 17.11
CA ALA B 161 16.82 3.79 18.53
C ALA B 161 18.04 4.65 18.83
N HIS B 162 17.85 5.63 19.71
CA HIS B 162 18.93 6.49 20.23
C HIS B 162 19.52 7.35 19.12
N THR B 163 18.65 7.83 18.22
CA THR B 163 19.03 8.83 17.24
C THR B 163 18.56 10.20 17.74
#